data_5Y4H
#
_entry.id   5Y4H
#
_cell.length_a   127.840
_cell.length_b   127.840
_cell.length_c   127.840
_cell.angle_alpha   90.00
_cell.angle_beta   90.00
_cell.angle_gamma   90.00
#
_symmetry.space_group_name_H-M   'P 4 3 2'
#
loop_
_entity.id
_entity.type
_entity.pdbx_description
1 polymer 'NAD-dependent protein deacetylase sirtuin-3, mitochondrial'
2 polymer THr-Arg-Ser-GLY-ALY-VAL-MET-ARG-ARG-LEU-ARG-ARG
3 non-polymer 'ZINC ION'
4 non-polymer '[(2~{S},3~{S},5~{S},6~{S},8~{S},9~{S},10~{R},13~{R},14~{R},17~{R})-17-[(2~{R})-6,6-dimethylheptan-2-yl]-10,13-dimethyl-2,3-disulfooxy-2,3,4,5,6,7,8,9,11,12,14,15,16,17-tetradecahydro-1~{H}-cyclopenta[a]phenanthren-6-yl] hydrogen sulfate'
5 water water
#
loop_
_entity_poly.entity_id
_entity_poly.type
_entity_poly.pdbx_seq_one_letter_code
_entity_poly.pdbx_strand_id
1 'polypeptide(L)'
;SNASDKGKLSLQDVAELIRARACQRVVVMVGAGISTPSGIPDFRSPGSGLYSNLQQYDLPYPEAIFELPFFFHNPKPFFT
LAKELYPGNYKPNVTHYFLRLLHDKGLLLRLYTQNIDGLERVSGIPASKLVEAHGTFASATCTVCQRPFPGEDIRADVMA
DRVPRCPVCTGVVKPDIVFFGEPLPQRFLLHVVDFPMADLLLILGTSLEVEPFASLTEAVRSSVPRLLINRDLVGPLAWH
PRSRDVAQLGDVVHGVESLVELLGWTEEMRDLVQRETGKLDGPDK
;
A
2 'polypeptide(L)' TRSG(ALY)VMRRLRR B
#
# COMPACT_ATOMS: atom_id res chain seq x y z
N LEU A 9 -21.68 5.65 -16.07
CA LEU A 9 -20.51 4.75 -16.34
C LEU A 9 -20.45 3.61 -15.31
N SER A 10 -19.91 2.46 -15.72
CA SER A 10 -19.95 1.24 -14.90
C SER A 10 -18.65 0.42 -14.93
N LEU A 11 -18.57 -0.60 -14.06
CA LEU A 11 -17.42 -1.52 -13.99
C LEU A 11 -17.14 -2.25 -15.30
N GLN A 12 -18.19 -2.47 -16.09
CA GLN A 12 -18.06 -3.10 -17.41
C GLN A 12 -17.33 -2.16 -18.39
N ASP A 13 -17.69 -0.88 -18.35
CA ASP A 13 -17.08 0.15 -19.22
C ASP A 13 -15.59 0.37 -18.93
N VAL A 14 -15.24 0.29 -17.64
CA VAL A 14 -13.86 0.40 -17.18
C VAL A 14 -13.04 -0.81 -17.64
N ALA A 15 -13.62 -2.00 -17.50
CA ALA A 15 -13.02 -3.24 -18.02
C ALA A 15 -12.81 -3.22 -19.55
N GLU A 16 -13.76 -2.62 -20.26
CA GLU A 16 -13.68 -2.49 -21.72
C GLU A 16 -12.56 -1.55 -22.13
N LEU A 17 -12.37 -0.49 -21.33
CA LEU A 17 -11.28 0.46 -21.51
C LEU A 17 -9.90 -0.18 -21.42
N ILE A 18 -9.71 -1.01 -20.38
CA ILE A 18 -8.44 -1.68 -20.14
C ILE A 18 -8.17 -2.71 -21.24
N ARG A 19 -9.20 -3.49 -21.58
CA ARG A 19 -9.09 -4.57 -22.57
C ARG A 19 -8.73 -4.03 -23.96
N ALA A 20 -9.40 -2.94 -24.36
CA ALA A 20 -9.12 -2.21 -25.61
C ALA A 20 -7.70 -1.62 -25.63
N ARG A 21 -7.08 -1.55 -24.44
CA ARG A 21 -5.80 -0.89 -24.16
C ARG A 21 -5.93 0.63 -24.35
N ALA A 22 -7.10 1.15 -24.01
CA ALA A 22 -7.39 2.59 -24.02
C ALA A 22 -6.79 3.29 -22.83
N CYS A 23 -6.60 2.53 -21.75
CA CYS A 23 -5.92 3.02 -20.55
C CYS A 23 -4.48 2.49 -20.53
N GLN A 24 -3.56 3.37 -20.96
CA GLN A 24 -2.14 3.06 -21.09
C GLN A 24 -1.35 3.35 -19.80
N ARG A 25 -1.86 4.27 -18.99
CA ARG A 25 -1.14 4.78 -17.82
C ARG A 25 -2.05 4.76 -16.58
N VAL A 26 -2.15 3.57 -15.98
CA VAL A 26 -2.96 3.35 -14.78
C VAL A 26 -2.17 3.72 -13.52
N VAL A 27 -2.74 4.62 -12.71
CA VAL A 27 -2.20 4.89 -11.39
C VAL A 27 -3.11 4.24 -10.34
N VAL A 28 -2.49 3.52 -9.41
CA VAL A 28 -3.19 2.77 -8.38
C VAL A 28 -2.85 3.33 -6.99
N MET A 29 -3.87 3.41 -6.14
CA MET A 29 -3.73 3.73 -4.72
C MET A 29 -4.27 2.55 -3.91
N VAL A 30 -3.44 1.99 -3.04
CA VAL A 30 -3.84 0.88 -2.17
C VAL A 30 -3.56 1.15 -0.70
N GLY A 31 -4.37 0.55 0.18
CA GLY A 31 -4.21 0.61 1.62
C GLY A 31 -4.33 -0.77 2.27
N ALA A 32 -4.71 -0.79 3.55
CA ALA A 32 -4.69 -2.00 4.38
C ALA A 32 -5.65 -3.13 3.96
N GLY A 33 -6.75 -2.74 3.31
CA GLY A 33 -7.75 -3.65 2.75
C GLY A 33 -7.23 -4.73 1.82
N ILE A 34 -6.20 -4.43 1.03
CA ILE A 34 -5.63 -5.38 0.06
C ILE A 34 -4.66 -6.39 0.70
N SER A 35 -4.31 -6.18 1.97
CA SER A 35 -3.34 -7.06 2.64
C SER A 35 -3.93 -7.86 3.80
N THR A 36 -5.14 -7.48 4.24
CA THR A 36 -5.94 -8.30 5.18
C THR A 36 -6.16 -9.78 4.70
N PRO A 37 -6.55 -10.00 3.41
CA PRO A 37 -6.73 -11.39 2.93
C PRO A 37 -5.46 -12.24 2.92
N SER A 38 -4.32 -11.64 3.22
CA SER A 38 -3.06 -12.35 3.39
C SER A 38 -2.78 -12.59 4.88
N GLY A 39 -3.61 -12.00 5.73
CA GLY A 39 -3.57 -12.20 7.18
C GLY A 39 -2.83 -11.13 7.94
N ILE A 40 -2.70 -9.94 7.34
CA ILE A 40 -2.03 -8.81 7.98
C ILE A 40 -3.11 -7.96 8.65
N PRO A 41 -2.91 -7.57 9.94
CA PRO A 41 -3.91 -6.76 10.66
C PRO A 41 -4.03 -5.30 10.14
N ASP A 42 -4.94 -4.52 10.76
CA ASP A 42 -5.23 -3.10 10.40
C ASP A 42 -5.94 -2.99 9.04
N GLN A 56 -2.91 -9.72 20.30
CA GLN A 56 -1.68 -10.20 20.93
C GLN A 56 -0.68 -9.07 21.26
N TYR A 57 -1.15 -7.82 21.18
CA TYR A 57 -0.36 -6.62 21.47
C TYR A 57 -0.86 -5.90 22.74
N ASP A 58 -0.08 -4.92 23.20
CA ASP A 58 -0.40 -4.14 24.41
C ASP A 58 -0.96 -2.75 24.08
N LEU A 59 -1.49 -2.62 22.86
CA LEU A 59 -1.95 -1.33 22.32
C LEU A 59 -3.19 -0.78 22.99
N PRO A 60 -3.13 0.47 23.51
CA PRO A 60 -4.29 1.18 24.07
C PRO A 60 -5.42 1.39 23.05
N TYR A 61 -5.05 1.60 21.79
CA TYR A 61 -5.94 1.68 20.64
C TYR A 61 -5.05 1.29 19.47
N PRO A 62 -5.64 0.93 18.30
CA PRO A 62 -4.76 0.35 17.26
C PRO A 62 -3.71 1.33 16.67
N GLU A 63 -4.13 2.57 16.37
CA GLU A 63 -3.26 3.58 15.75
C GLU A 63 -1.92 3.84 16.46
N ALA A 64 -1.91 3.64 17.78
CA ALA A 64 -0.72 3.82 18.64
C ALA A 64 0.54 3.06 18.19
N ILE A 65 0.38 2.05 17.36
CA ILE A 65 1.53 1.30 16.82
C ILE A 65 2.42 2.18 15.91
N PHE A 66 1.81 3.17 15.25
CA PHE A 66 2.53 4.15 14.44
C PHE A 66 2.52 5.56 15.06
N GLU A 67 2.53 5.61 16.40
CA GLU A 67 2.65 6.87 17.13
C GLU A 67 3.91 6.90 17.97
N LEU A 68 4.63 8.03 17.87
CA LEU A 68 5.91 8.24 18.56
C LEU A 68 5.86 8.29 20.08
N PRO A 69 4.87 9.03 20.67
CA PRO A 69 4.82 9.05 22.15
C PRO A 69 4.65 7.63 22.72
N PHE A 70 3.76 6.84 22.12
CA PHE A 70 3.61 5.43 22.50
C PHE A 70 4.86 4.58 22.22
N PHE A 71 5.44 4.72 21.02
CA PHE A 71 6.63 3.97 20.62
C PHE A 71 7.77 4.13 21.64
N PHE A 72 8.04 5.36 22.05
CA PHE A 72 9.10 5.61 23.02
C PHE A 72 8.78 5.10 24.44
N HIS A 73 7.49 5.13 24.81
CA HIS A 73 7.01 4.52 26.06
C HIS A 73 7.14 2.99 26.04
N ASN A 74 6.76 2.36 24.92
CA ASN A 74 6.81 0.91 24.74
C ASN A 74 6.99 0.51 23.25
N PRO A 75 8.25 0.22 22.84
CA PRO A 75 8.57 -0.09 21.44
C PRO A 75 8.19 -1.50 21.02
N LYS A 76 7.91 -2.38 21.98
CA LYS A 76 7.73 -3.82 21.76
C LYS A 76 6.58 -4.18 20.82
N PRO A 77 5.38 -3.57 21.01
CA PRO A 77 4.29 -3.94 20.08
C PRO A 77 4.61 -3.65 18.60
N PHE A 78 5.29 -2.53 18.32
CA PHE A 78 5.76 -2.22 16.95
C PHE A 78 6.75 -3.27 16.43
N PHE A 79 7.75 -3.61 17.25
CA PHE A 79 8.74 -4.63 16.92
C PHE A 79 8.20 -6.08 16.84
N THR A 80 7.04 -6.33 17.46
CA THR A 80 6.30 -7.57 17.21
C THR A 80 5.86 -7.59 15.74
N LEU A 81 5.30 -6.46 15.28
CA LEU A 81 4.79 -6.34 13.91
C LEU A 81 5.91 -6.39 12.87
N ALA A 82 7.04 -5.75 13.18
CA ALA A 82 8.26 -5.85 12.38
C ALA A 82 8.67 -7.31 12.13
N LYS A 83 8.83 -8.08 13.22
CA LYS A 83 9.10 -9.52 13.17
C LYS A 83 8.06 -10.31 12.35
N GLU A 84 6.79 -9.97 12.49
CA GLU A 84 5.73 -10.54 11.66
C GLU A 84 5.91 -10.18 10.18
N LEU A 85 6.12 -8.89 9.89
CA LEU A 85 6.10 -8.38 8.51
C LEU A 85 7.32 -8.68 7.64
N TYR A 86 8.40 -9.17 8.23
CA TYR A 86 9.58 -9.64 7.49
C TYR A 86 9.23 -10.71 6.42
N PRO A 87 9.93 -10.70 5.26
CA PRO A 87 9.65 -11.62 4.14
C PRO A 87 9.51 -13.10 4.51
N GLY A 88 8.50 -13.76 3.92
CA GLY A 88 8.27 -15.19 4.12
C GLY A 88 6.92 -15.48 4.72
N ASN A 89 6.67 -14.90 5.91
CA ASN A 89 5.47 -15.13 6.71
C ASN A 89 4.15 -14.97 5.95
N TYR A 90 4.09 -13.95 5.10
CA TYR A 90 2.86 -13.65 4.37
C TYR A 90 3.10 -13.72 2.87
N LYS A 91 2.03 -14.03 2.15
CA LYS A 91 2.05 -14.20 0.70
C LYS A 91 1.18 -13.12 0.07
N PRO A 92 1.55 -12.64 -1.15
CA PRO A 92 0.65 -11.72 -1.84
C PRO A 92 -0.64 -12.44 -2.24
N ASN A 93 -1.77 -11.74 -2.22
CA ASN A 93 -3.04 -12.34 -2.63
C ASN A 93 -3.49 -11.89 -4.04
N VAL A 94 -4.69 -12.26 -4.43
CA VAL A 94 -5.23 -11.97 -5.78
C VAL A 94 -5.08 -10.48 -6.16
N THR A 95 -5.28 -9.59 -5.19
CA THR A 95 -5.21 -8.14 -5.42
C THR A 95 -3.85 -7.69 -5.94
N HIS A 96 -2.79 -8.13 -5.26
CA HIS A 96 -1.41 -7.86 -5.66
C HIS A 96 -1.14 -8.41 -7.06
N TYR A 97 -1.44 -9.70 -7.24
CA TYR A 97 -1.20 -10.38 -8.52
C TYR A 97 -1.96 -9.76 -9.68
N PHE A 98 -3.15 -9.21 -9.42
CA PHE A 98 -3.87 -8.41 -10.41
C PHE A 98 -3.05 -7.19 -10.86
N LEU A 99 -2.44 -6.50 -9.89
CA LEU A 99 -1.60 -5.33 -10.19
C LEU A 99 -0.30 -5.71 -10.91
N ARG A 100 0.18 -6.93 -10.63
CA ARG A 100 1.28 -7.55 -11.37
C ARG A 100 0.91 -7.83 -12.86
N LEU A 101 -0.33 -8.22 -13.11
CA LEU A 101 -0.84 -8.38 -14.49
C LEU A 101 -0.95 -7.04 -15.19
N LEU A 102 -1.27 -6.01 -14.42
CA LEU A 102 -1.40 -4.67 -14.96
C LEU A 102 -0.03 -4.16 -15.43
N HIS A 103 1.03 -4.51 -14.67
CA HIS A 103 2.40 -4.15 -15.04
C HIS A 103 2.91 -4.98 -16.23
N ASP A 104 2.74 -6.30 -16.15
CA ASP A 104 3.10 -7.26 -17.21
C ASP A 104 2.56 -6.92 -18.61
N LYS A 105 1.34 -6.41 -18.66
CA LYS A 105 0.70 -5.98 -19.90
C LYS A 105 1.07 -4.54 -20.27
N GLY A 106 1.99 -3.95 -19.51
CA GLY A 106 2.54 -2.62 -19.74
C GLY A 106 1.57 -1.48 -19.47
N LEU A 107 0.72 -1.66 -18.44
CA LEU A 107 -0.38 -0.71 -18.16
C LEU A 107 -0.25 0.10 -16.86
N LEU A 108 0.63 -0.33 -15.97
CA LEU A 108 0.80 0.37 -14.70
C LEU A 108 1.78 1.55 -14.84
N LEU A 109 1.29 2.77 -14.61
CA LEU A 109 2.18 3.94 -14.52
C LEU A 109 2.98 3.92 -13.21
N ARG A 110 2.26 3.87 -12.09
CA ARG A 110 2.84 3.76 -10.75
C ARG A 110 1.83 3.16 -9.77
N LEU A 111 2.35 2.44 -8.79
CA LEU A 111 1.55 1.99 -7.67
C LEU A 111 1.94 2.76 -6.40
N TYR A 112 0.93 3.42 -5.80
CA TYR A 112 1.08 4.12 -4.53
C TYR A 112 0.49 3.28 -3.44
N THR A 113 1.27 3.01 -2.42
CA THR A 113 0.83 2.15 -1.34
C THR A 113 1.00 2.78 0.04
N GLN A 114 0.05 2.50 0.93
CA GLN A 114 0.15 2.87 2.34
C GLN A 114 0.75 1.75 3.17
N ASN A 115 0.79 0.57 2.58
CA ASN A 115 1.21 -0.64 3.28
C ASN A 115 2.71 -0.68 3.50
N ILE A 116 3.10 -1.38 4.56
CA ILE A 116 4.51 -1.49 4.94
C ILE A 116 4.92 -2.96 4.97
N ASP A 117 4.13 -3.80 4.30
CA ASP A 117 4.33 -5.26 4.30
C ASP A 117 5.11 -5.81 3.10
N GLY A 118 5.54 -4.94 2.19
CA GLY A 118 6.41 -5.32 1.08
C GLY A 118 5.88 -6.31 0.06
N LEU A 119 4.56 -6.57 0.10
CA LEU A 119 3.92 -7.59 -0.74
C LEU A 119 3.85 -7.26 -2.22
N GLU A 120 3.83 -5.96 -2.53
CA GLU A 120 3.92 -5.47 -3.90
C GLU A 120 5.22 -5.92 -4.57
N ARG A 121 6.34 -5.80 -3.84
CA ARG A 121 7.66 -6.17 -4.34
C ARG A 121 7.71 -7.68 -4.64
N VAL A 122 7.14 -8.47 -3.70
CA VAL A 122 7.12 -9.92 -3.76
C VAL A 122 6.24 -10.42 -4.92
N SER A 123 5.14 -9.71 -5.20
CA SER A 123 4.23 -10.09 -6.28
C SER A 123 4.87 -9.89 -7.67
N GLY A 124 5.90 -9.04 -7.73
CA GLY A 124 6.67 -8.85 -8.96
C GLY A 124 6.77 -7.42 -9.46
N ILE A 125 6.03 -6.51 -8.83
CA ILE A 125 6.13 -5.06 -9.12
C ILE A 125 7.56 -4.58 -8.78
N PRO A 126 8.26 -3.99 -9.78
CA PRO A 126 9.62 -3.48 -9.54
C PRO A 126 9.59 -2.19 -8.70
N ALA A 127 10.72 -1.90 -8.03
CA ALA A 127 10.88 -0.70 -7.18
C ALA A 127 10.53 0.60 -7.91
N SER A 128 10.83 0.66 -9.21
CA SER A 128 10.62 1.87 -10.00
C SER A 128 9.14 2.18 -10.29
N LYS A 129 8.30 1.16 -10.20
CA LYS A 129 6.85 1.29 -10.39
C LYS A 129 6.11 1.45 -9.06
N LEU A 130 6.86 1.63 -7.97
CA LEU A 130 6.33 1.67 -6.62
C LEU A 130 6.65 2.95 -5.87
N VAL A 131 5.69 3.43 -5.09
CA VAL A 131 5.92 4.46 -4.11
C VAL A 131 5.40 3.92 -2.76
N GLU A 132 6.32 3.44 -1.94
CA GLU A 132 6.00 3.03 -0.58
C GLU A 132 5.85 4.30 0.28
N ALA A 133 4.65 4.89 0.21
CA ALA A 133 4.39 6.21 0.75
C ALA A 133 4.49 6.34 2.29
N HIS A 134 4.33 5.25 3.02
CA HIS A 134 4.46 5.27 4.48
C HIS A 134 5.74 4.62 4.98
N GLY A 135 6.71 4.47 4.08
CA GLY A 135 8.02 4.00 4.46
C GLY A 135 8.22 2.52 4.29
N THR A 136 9.33 2.03 4.84
CA THR A 136 9.87 0.71 4.54
C THR A 136 10.73 0.20 5.69
N PHE A 137 10.80 -1.13 5.81
CA PHE A 137 11.71 -1.81 6.73
C PHE A 137 13.09 -2.07 6.13
N ALA A 138 13.35 -1.55 4.92
CA ALA A 138 14.60 -1.83 4.20
C ALA A 138 15.79 -1.09 4.83
N SER A 139 15.48 -0.09 5.65
CA SER A 139 16.48 0.71 6.36
C SER A 139 15.89 1.24 7.66
N ALA A 140 16.76 1.77 8.52
CA ALA A 140 16.40 2.23 9.86
C ALA A 140 17.27 3.40 10.29
N THR A 141 16.82 4.11 11.33
CA THR A 141 17.53 5.26 11.86
C THR A 141 17.51 5.21 13.38
N CYS A 142 18.67 5.43 13.98
CA CYS A 142 18.72 5.64 15.42
C CYS A 142 17.92 6.90 15.76
N THR A 143 16.87 6.69 16.54
CA THR A 143 16.01 7.76 17.05
C THR A 143 16.70 8.87 17.82
N VAL A 144 17.95 8.62 18.25
CA VAL A 144 18.70 9.59 19.07
C VAL A 144 19.74 10.37 18.24
N CYS A 145 20.78 9.68 17.75
CA CYS A 145 21.88 10.34 17.03
C CYS A 145 21.61 10.49 15.53
N GLN A 146 20.61 9.74 15.04
CA GLN A 146 20.13 9.78 13.64
C GLN A 146 21.07 9.13 12.62
N ARG A 147 21.86 8.18 13.10
CA ARG A 147 22.69 7.36 12.24
C ARG A 147 21.79 6.39 11.40
N PRO A 148 22.07 6.26 10.09
CA PRO A 148 21.32 5.34 9.24
C PRO A 148 21.82 3.90 9.29
N PHE A 149 20.89 2.95 9.22
CA PHE A 149 21.19 1.51 9.30
C PHE A 149 20.57 0.76 8.12
N PRO A 150 21.29 -0.24 7.55
CA PRO A 150 20.54 -1.17 6.70
C PRO A 150 19.52 -1.94 7.55
N GLY A 151 18.37 -2.27 6.96
CA GLY A 151 17.27 -2.97 7.67
C GLY A 151 17.54 -4.42 8.03
N GLU A 152 18.60 -4.97 7.45
CA GLU A 152 19.13 -6.30 7.76
C GLU A 152 20.05 -6.27 9.00
N ASP A 153 20.59 -5.09 9.32
CA ASP A 153 21.50 -4.91 10.47
C ASP A 153 20.81 -4.98 11.82
N ILE A 154 19.49 -5.04 11.80
CA ILE A 154 18.69 -5.17 13.02
C ILE A 154 17.88 -6.46 13.01
N ARG A 155 17.97 -7.23 11.92
CA ARG A 155 17.12 -8.42 11.74
C ARG A 155 17.23 -9.42 12.88
N ALA A 156 18.46 -9.78 13.23
CA ALA A 156 18.76 -10.69 14.34
C ALA A 156 18.05 -10.27 15.64
N ASP A 157 18.24 -9.00 16.02
CA ASP A 157 17.61 -8.43 17.23
C ASP A 157 16.09 -8.58 17.23
N VAL A 158 15.46 -8.12 16.14
CA VAL A 158 13.99 -8.10 16.00
C VAL A 158 13.45 -9.54 16.05
N MET A 159 14.17 -10.46 15.41
CA MET A 159 13.82 -11.89 15.40
C MET A 159 13.99 -12.52 16.78
N ALA A 160 14.95 -12.02 17.55
CA ALA A 160 15.24 -12.53 18.89
C ALA A 160 14.47 -11.78 20.01
N ASP A 161 13.30 -11.22 19.65
CA ASP A 161 12.44 -10.37 20.54
C ASP A 161 13.15 -9.23 21.32
N ARG A 162 14.33 -8.82 20.84
CA ARG A 162 15.10 -7.72 21.42
C ARG A 162 14.85 -6.39 20.68
N VAL A 163 14.82 -5.30 21.45
CA VAL A 163 14.70 -3.94 20.91
C VAL A 163 16.09 -3.50 20.40
N PRO A 164 16.20 -3.20 19.08
CA PRO A 164 17.46 -2.80 18.44
C PRO A 164 18.01 -1.49 19.01
N ARG A 165 19.29 -1.50 19.34
CA ARG A 165 19.91 -0.33 19.94
C ARG A 165 21.15 0.11 19.17
N CYS A 166 21.41 1.41 19.20
CA CYS A 166 22.47 2.03 18.40
C CYS A 166 23.86 1.68 18.94
N PRO A 167 24.72 1.07 18.10
CA PRO A 167 26.13 0.80 18.44
C PRO A 167 26.89 2.00 19.00
N VAL A 168 26.45 3.21 18.63
CA VAL A 168 27.18 4.44 18.95
C VAL A 168 26.58 5.24 20.12
N CYS A 169 25.30 5.01 20.46
CA CYS A 169 24.65 5.79 21.52
C CYS A 169 23.55 5.08 22.35
N THR A 170 23.25 3.83 22.01
CA THR A 170 22.27 2.97 22.75
C THR A 170 20.81 3.37 22.59
N GLY A 171 20.54 4.42 21.80
CA GLY A 171 19.17 4.81 21.43
C GLY A 171 18.48 3.71 20.63
N VAL A 172 17.14 3.65 20.75
CA VAL A 172 16.35 2.68 19.98
C VAL A 172 16.54 2.95 18.50
N VAL A 173 16.80 1.87 17.74
CA VAL A 173 16.92 1.93 16.30
C VAL A 173 15.55 1.60 15.66
N LYS A 174 14.85 2.66 15.24
CA LYS A 174 13.55 2.57 14.60
C LYS A 174 13.69 2.41 13.07
N PRO A 175 12.99 1.39 12.48
CA PRO A 175 12.86 1.25 11.02
C PRO A 175 12.26 2.50 10.40
N ASP A 176 12.59 2.77 9.13
CA ASP A 176 12.09 3.97 8.44
C ASP A 176 10.63 3.85 8.01
N ILE A 177 9.76 3.65 8.99
CA ILE A 177 8.32 3.63 8.79
C ILE A 177 7.85 5.02 9.19
N VAL A 178 7.00 5.62 8.38
CA VAL A 178 6.42 6.92 8.70
C VAL A 178 5.42 6.80 9.85
N PHE A 179 5.75 7.42 10.97
CA PHE A 179 4.83 7.52 12.11
C PHE A 179 3.98 8.77 11.98
N PHE A 180 2.88 8.82 12.71
CA PHE A 180 2.00 10.00 12.67
C PHE A 180 2.74 11.26 13.06
N GLY A 181 2.55 12.32 12.26
CA GLY A 181 3.24 13.58 12.47
C GLY A 181 4.53 13.74 11.68
N GLU A 182 5.04 12.64 11.13
CA GLU A 182 6.31 12.64 10.40
C GLU A 182 6.08 12.88 8.91
N PRO A 183 7.04 13.55 8.25
CA PRO A 183 6.93 13.74 6.80
C PRO A 183 7.10 12.42 6.05
N LEU A 184 6.40 12.31 4.92
CA LEU A 184 6.48 11.12 4.08
C LEU A 184 7.80 11.16 3.31
N PRO A 185 8.29 9.99 2.82
CA PRO A 185 9.55 10.06 2.06
C PRO A 185 9.39 10.92 0.81
N GLN A 186 10.49 11.52 0.38
CA GLN A 186 10.50 12.49 -0.71
C GLN A 186 10.17 11.86 -2.07
N ARG A 187 10.28 10.54 -2.18
CA ARG A 187 9.81 9.79 -3.35
C ARG A 187 8.32 10.02 -3.64
N PHE A 188 7.55 10.33 -2.58
CA PHE A 188 6.15 10.76 -2.68
C PHE A 188 5.93 11.84 -3.75
N LEU A 189 6.94 12.70 -3.97
CA LEU A 189 6.86 13.80 -4.94
C LEU A 189 6.70 13.34 -6.39
N LEU A 190 6.94 12.06 -6.65
CA LEU A 190 6.61 11.46 -7.97
C LEU A 190 5.12 11.64 -8.33
N HIS A 191 4.26 11.82 -7.34
CA HIS A 191 2.84 12.06 -7.57
C HIS A 191 2.55 13.30 -8.41
N VAL A 192 3.42 14.30 -8.34
CA VAL A 192 3.26 15.55 -9.09
C VAL A 192 3.28 15.26 -10.60
N VAL A 193 4.08 14.29 -11.04
CA VAL A 193 4.15 13.94 -12.47
C VAL A 193 3.31 12.72 -12.88
N ASP A 194 3.10 11.79 -11.95
CA ASP A 194 2.28 10.60 -12.21
C ASP A 194 0.77 10.91 -12.33
N PHE A 195 0.21 11.60 -11.35
CA PHE A 195 -1.25 11.82 -11.30
C PHE A 195 -1.84 12.65 -12.46
N PRO A 196 -1.25 13.84 -12.77
CA PRO A 196 -1.61 14.53 -14.01
C PRO A 196 -1.46 13.72 -15.29
N MET A 197 -0.57 12.74 -15.29
CA MET A 197 -0.38 11.88 -16.46
C MET A 197 -1.27 10.64 -16.54
N ALA A 198 -2.08 10.39 -15.52
CA ALA A 198 -2.88 9.16 -15.44
C ALA A 198 -4.08 9.22 -16.37
N ASP A 199 -4.38 8.10 -17.03
CA ASP A 199 -5.60 7.98 -17.82
C ASP A 199 -6.69 7.14 -17.13
N LEU A 200 -6.34 6.58 -15.97
CA LEU A 200 -7.24 5.82 -15.12
C LEU A 200 -6.66 5.73 -13.72
N LEU A 201 -7.51 5.97 -12.72
CA LEU A 201 -7.13 5.85 -11.32
C LEU A 201 -7.84 4.66 -10.66
N LEU A 202 -7.06 3.81 -10.01
CA LEU A 202 -7.58 2.68 -9.27
C LEU A 202 -7.30 2.85 -7.80
N ILE A 203 -8.37 2.95 -7.03
CA ILE A 203 -8.31 3.02 -5.59
C ILE A 203 -8.81 1.67 -5.11
N LEU A 204 -7.93 0.91 -4.45
CA LEU A 204 -8.28 -0.42 -3.97
C LEU A 204 -7.93 -0.57 -2.50
N GLY A 205 -8.92 -0.96 -1.70
CA GLY A 205 -8.71 -1.39 -0.32
C GLY A 205 -8.17 -0.36 0.65
N THR A 206 -8.74 0.84 0.61
CA THR A 206 -8.43 1.89 1.58
C THR A 206 -9.67 2.71 1.89
N SER A 207 -9.76 3.19 3.13
CA SER A 207 -10.85 4.10 3.52
C SER A 207 -10.46 5.59 3.47
N LEU A 208 -9.31 5.87 2.85
CA LEU A 208 -8.82 7.23 2.58
C LEU A 208 -8.89 8.14 3.81
N GLU A 209 -8.38 7.62 4.92
CA GLU A 209 -8.44 8.30 6.21
C GLU A 209 -7.17 9.07 6.46
N VAL A 210 -6.04 8.53 6.02
CA VAL A 210 -4.73 9.11 6.29
C VAL A 210 -4.34 10.15 5.22
N GLU A 211 -3.92 11.31 5.70
CA GLU A 211 -3.36 12.38 4.88
C GLU A 211 -1.83 12.39 4.99
N PRO A 212 -1.11 12.82 3.95
CA PRO A 212 -1.68 13.43 2.73
C PRO A 212 -2.04 12.47 1.59
N PHE A 213 -1.83 11.16 1.81
CA PHE A 213 -2.14 10.13 0.81
C PHE A 213 -3.56 10.21 0.22
N ALA A 214 -4.55 10.38 1.09
CA ALA A 214 -5.96 10.37 0.70
C ALA A 214 -6.29 11.41 -0.35
N SER A 215 -5.56 12.53 -0.31
CA SER A 215 -5.79 13.71 -1.14
C SER A 215 -5.43 13.52 -2.62
N LEU A 216 -4.66 12.47 -2.90
CA LEU A 216 -4.19 12.18 -4.25
C LEU A 216 -5.32 11.86 -5.25
N THR A 217 -6.47 11.42 -4.74
CA THR A 217 -7.64 11.06 -5.56
C THR A 217 -8.17 12.26 -6.33
N GLU A 218 -7.92 13.45 -5.79
CA GLU A 218 -8.33 14.71 -6.39
C GLU A 218 -7.36 15.24 -7.48
N ALA A 219 -6.20 14.60 -7.58
CA ALA A 219 -5.07 15.08 -8.37
C ALA A 219 -5.09 14.64 -9.84
N VAL A 220 -5.88 13.62 -10.14
CA VAL A 220 -6.10 13.20 -11.52
C VAL A 220 -7.03 14.20 -12.19
N ARG A 221 -6.95 14.29 -13.52
CA ARG A 221 -7.76 15.23 -14.31
C ARG A 221 -9.25 14.90 -14.23
N SER A 222 -10.09 15.92 -14.40
CA SER A 222 -11.55 15.79 -14.24
C SER A 222 -12.21 14.76 -15.17
N SER A 223 -11.66 14.62 -16.37
CA SER A 223 -12.13 13.64 -17.37
C SER A 223 -11.64 12.19 -17.13
N VAL A 224 -11.01 11.93 -15.99
CA VAL A 224 -10.36 10.63 -15.73
C VAL A 224 -11.23 9.70 -14.86
N PRO A 225 -11.51 8.48 -15.37
CA PRO A 225 -12.20 7.42 -14.61
C PRO A 225 -11.50 7.10 -13.29
N ARG A 226 -12.27 7.03 -12.21
CA ARG A 226 -11.76 6.64 -10.89
C ARG A 226 -12.52 5.42 -10.37
N LEU A 227 -11.83 4.30 -10.19
CA LEU A 227 -12.46 3.04 -9.76
C LEU A 227 -12.11 2.67 -8.33
N LEU A 228 -13.10 2.77 -7.45
CA LEU A 228 -12.98 2.35 -6.06
C LEU A 228 -13.45 0.91 -5.86
N ILE A 229 -12.51 0.00 -5.62
CA ILE A 229 -12.84 -1.36 -5.21
C ILE A 229 -12.56 -1.45 -3.71
N ASN A 230 -13.60 -1.18 -2.93
CA ASN A 230 -13.50 -1.09 -1.47
C ASN A 230 -14.82 -1.42 -0.72
N ARG A 231 -14.66 -1.91 0.52
CA ARG A 231 -15.77 -2.17 1.45
C ARG A 231 -16.90 -1.14 1.39
N ASP A 232 -16.59 0.15 1.56
CA ASP A 232 -17.60 1.23 1.56
C ASP A 232 -17.22 2.49 0.76
N LEU A 233 -18.24 3.30 0.45
CA LEU A 233 -18.10 4.54 -0.32
C LEU A 233 -17.32 5.59 0.50
N VAL A 234 -16.05 5.71 0.18
CA VAL A 234 -15.10 6.53 0.96
C VAL A 234 -14.59 7.75 0.20
N GLY A 235 -14.04 8.69 0.96
CA GLY A 235 -13.34 9.85 0.42
C GLY A 235 -14.15 10.71 -0.53
N PRO A 236 -13.49 11.30 -1.55
CA PRO A 236 -14.09 12.21 -2.51
C PRO A 236 -15.19 11.61 -3.39
N LEU A 237 -15.25 10.28 -3.47
CA LEU A 237 -16.30 9.61 -4.26
C LEU A 237 -17.67 9.70 -3.59
N ALA A 238 -17.67 9.84 -2.27
CA ALA A 238 -18.89 10.01 -1.48
C ALA A 238 -19.30 11.47 -1.35
N TRP A 239 -18.31 12.37 -1.26
CA TRP A 239 -18.55 13.77 -0.90
C TRP A 239 -18.80 14.68 -2.10
N HIS A 240 -17.91 14.60 -3.08
CA HIS A 240 -18.03 15.36 -4.33
C HIS A 240 -17.72 14.44 -5.53
N PRO A 241 -18.70 13.61 -5.94
CA PRO A 241 -18.44 12.63 -7.01
C PRO A 241 -18.40 13.26 -8.39
N ARG A 242 -17.47 12.79 -9.23
CA ARG A 242 -17.39 13.18 -10.64
C ARG A 242 -18.15 12.15 -11.46
N SER A 243 -18.52 12.52 -12.69
CA SER A 243 -19.34 11.69 -13.58
C SER A 243 -18.68 10.36 -13.98
N ARG A 244 -17.37 10.35 -14.08
CA ARG A 244 -16.64 9.15 -14.51
C ARG A 244 -16.12 8.27 -13.35
N ASP A 245 -16.54 8.60 -12.11
CA ASP A 245 -16.28 7.74 -10.93
C ASP A 245 -17.18 6.51 -10.91
N VAL A 246 -16.60 5.38 -10.51
CA VAL A 246 -17.31 4.10 -10.44
C VAL A 246 -16.89 3.38 -9.14
N ALA A 247 -17.88 3.02 -8.31
CA ALA A 247 -17.62 2.24 -7.09
C ALA A 247 -18.12 0.80 -7.22
N GLN A 248 -17.23 -0.15 -6.95
CA GLN A 248 -17.59 -1.57 -6.83
C GLN A 248 -17.44 -1.96 -5.37
N LEU A 249 -18.47 -1.62 -4.60
CA LEU A 249 -18.49 -1.77 -3.15
C LEU A 249 -18.65 -3.22 -2.75
N GLY A 250 -18.18 -3.56 -1.55
CA GLY A 250 -18.13 -4.94 -1.06
C GLY A 250 -16.70 -5.35 -0.79
N ASP A 251 -16.52 -6.64 -0.48
CA ASP A 251 -15.19 -7.25 -0.30
C ASP A 251 -14.24 -6.95 -1.46
N VAL A 252 -12.99 -6.65 -1.13
CA VAL A 252 -12.02 -6.20 -2.13
C VAL A 252 -11.64 -7.33 -3.10
N VAL A 253 -11.35 -8.52 -2.57
CA VAL A 253 -11.00 -9.73 -3.35
C VAL A 253 -12.12 -10.05 -4.35
N HIS A 254 -13.36 -10.08 -3.86
CA HIS A 254 -14.55 -10.28 -4.69
C HIS A 254 -14.62 -9.27 -5.84
N GLY A 255 -14.52 -7.98 -5.50
CA GLY A 255 -14.50 -6.88 -6.48
C GLY A 255 -13.41 -7.01 -7.53
N VAL A 256 -12.22 -7.40 -7.11
CA VAL A 256 -11.08 -7.60 -8.03
C VAL A 256 -11.40 -8.70 -9.05
N GLU A 257 -11.76 -9.88 -8.53
CA GLU A 257 -12.14 -11.06 -9.35
C GLU A 257 -13.25 -10.77 -10.36
N SER A 258 -14.22 -9.94 -9.97
CA SER A 258 -15.30 -9.49 -10.87
C SER A 258 -14.82 -8.56 -12.01
N LEU A 259 -13.72 -7.83 -11.77
CA LEU A 259 -13.08 -7.05 -12.81
C LEU A 259 -12.23 -7.98 -13.69
N VAL A 260 -11.46 -8.85 -13.06
CA VAL A 260 -10.63 -9.86 -13.73
C VAL A 260 -11.45 -10.70 -14.71
N GLU A 261 -12.63 -11.15 -14.24
CA GLU A 261 -13.60 -11.89 -15.03
C GLU A 261 -14.11 -11.07 -16.21
N LEU A 262 -14.51 -9.83 -15.94
CA LEU A 262 -14.96 -8.91 -16.97
C LEU A 262 -13.87 -8.49 -17.96
N LEU A 263 -12.63 -8.89 -17.70
CA LEU A 263 -11.50 -8.60 -18.59
C LEU A 263 -11.15 -9.81 -19.44
N GLY A 264 -11.28 -11.00 -18.84
CA GLY A 264 -10.94 -12.25 -19.48
C GLY A 264 -9.59 -12.76 -19.00
N TRP A 265 -9.19 -12.35 -17.80
CA TRP A 265 -7.87 -12.68 -17.26
C TRP A 265 -7.88 -13.76 -16.19
N THR A 266 -9.07 -14.28 -15.85
CA THR A 266 -9.27 -15.30 -14.80
C THR A 266 -8.37 -16.54 -14.94
N GLU A 267 -8.20 -17.00 -16.17
CA GLU A 267 -7.36 -18.15 -16.43
C GLU A 267 -5.87 -17.80 -16.28
N GLU A 268 -5.48 -16.67 -16.88
CA GLU A 268 -4.13 -16.11 -16.78
C GLU A 268 -3.71 -15.81 -15.32
N MET A 269 -4.68 -15.29 -14.55
CA MET A 269 -4.50 -15.03 -13.11
C MET A 269 -4.22 -16.31 -12.34
N ARG A 270 -5.11 -17.29 -12.48
CA ARG A 270 -5.02 -18.56 -11.75
C ARG A 270 -3.72 -19.29 -12.10
N ASP A 271 -3.31 -19.20 -13.37
CA ASP A 271 -2.01 -19.70 -13.85
C ASP A 271 -0.85 -18.99 -13.16
N LEU A 272 -0.98 -17.67 -12.97
CA LEU A 272 0.04 -16.85 -12.29
C LEU A 272 0.12 -17.14 -10.80
N VAL A 273 -1.04 -17.20 -10.14
CA VAL A 273 -1.16 -17.38 -8.69
C VAL A 273 -0.51 -18.68 -8.17
N GLN A 274 -0.95 -19.84 -8.67
CA GLN A 274 -0.38 -21.11 -8.20
C GLN A 274 0.92 -21.50 -8.93
N ARG A 275 1.39 -20.62 -9.82
CA ARG A 275 2.75 -20.65 -10.35
C ARG A 275 3.68 -20.03 -9.32
N GLU A 276 3.24 -18.92 -8.71
CA GLU A 276 4.03 -18.15 -7.77
C GLU A 276 4.09 -18.73 -6.34
N THR A 277 3.60 -19.95 -6.15
CA THR A 277 3.71 -20.65 -4.88
C THR A 277 4.66 -21.85 -5.03
N GLY A 278 5.90 -21.66 -4.57
CA GLY A 278 6.93 -22.70 -4.55
C GLY A 278 7.47 -23.09 -5.91
N GLY B 4 3.14 16.12 6.89
CA GLY B 4 2.99 15.22 8.07
C GLY B 4 1.85 14.23 7.92
N VAL B 6 -1.17 12.42 8.98
CA VAL B 6 -2.30 12.68 9.91
C VAL B 6 -3.57 11.97 9.49
N MET B 7 -4.37 11.56 10.49
CA MET B 7 -5.79 11.17 10.30
C MET B 7 -6.64 12.39 9.93
N ARG B 8 -7.77 12.18 9.25
CA ARG B 8 -8.75 13.25 9.01
C ARG B 8 -9.41 13.69 10.32
N ARG B 9 -10.07 12.76 11.02
CA ARG B 9 -10.70 13.00 12.32
C ARG B 9 -9.73 12.75 13.46
#